data_1NMS
#
_entry.id   1NMS
#
_cell.length_a   123.450
_cell.length_b   70.952
_cell.length_c   95.860
_cell.angle_alpha   90.00
_cell.angle_beta   136.42
_cell.angle_gamma   90.00
#
_symmetry.space_group_name_H-M   'C 1 2 1'
#
loop_
_entity.id
_entity.type
_entity.pdbx_description
1 polymer Caspase-3
2 non-polymer '5-[4-(1-CARBOXYMETHYL-2-OXO-PROPYLCARBAMOYL)-BENZYLSULFAMOYL]-2-HYDROXY-BENZOIC ACID'
3 water water
#
_entity_poly.entity_id   1
_entity_poly.type   'polypeptide(L)'
_entity_poly.pdbx_seq_one_letter_code
;SGISLDNSYKMDYPEMGLCIIINNKNFHKSTGMTSRSGTDVDAANLRETFRNLKYEVRNKNDLTREEIVELMRDVSKEDH
SKRSSFVCVLLSHGEEGIIFGTNGPVDLKKITNFFRGDRCRSLTGKPKLFIIQACRGTELDCGIETDSGVDDDMACHKIP
VDADFLYAYSTAPGYYSWRNSKDGSWFIQSLCAMLKQYADKLEFMHILTRVNRKVATEFESFSFDATFHAKKQIPCIVSM
LTKELYFYH
;
_entity_poly.pdbx_strand_id   A,B
#
loop_
_chem_comp.id
_chem_comp.type
_chem_comp.name
_chem_comp.formula
161 non-polymer '5-[4-(1-CARBOXYMETHYL-2-OXO-PROPYLCARBAMOYL)-BENZYLSULFAMOYL]-2-HYDROXY-BENZOIC ACID' 'C20 H20 N2 O9 S'
#
# COMPACT_ATOMS: atom_id res chain seq x y z
N ASP A 6 20.51 7.09 9.29
CA ASP A 6 19.71 8.31 8.95
C ASP A 6 18.34 7.97 8.46
N ASN A 7 17.91 8.68 7.43
CA ASN A 7 16.53 8.56 7.00
C ASN A 7 16.37 7.73 5.75
N SER A 8 17.49 7.24 5.27
CA SER A 8 17.42 6.41 4.06
C SER A 8 18.17 5.09 4.21
N TYR A 9 17.72 4.06 3.51
CA TYR A 9 18.44 2.79 3.59
C TYR A 9 19.86 2.91 3.05
N LYS A 10 20.76 2.17 3.69
CA LYS A 10 22.17 2.09 3.26
C LYS A 10 22.19 1.29 1.94
N MET A 11 22.53 1.96 0.85
CA MET A 11 22.56 1.28 -0.43
C MET A 11 23.95 1.25 -1.02
N ASP A 12 24.96 1.35 -0.17
CA ASP A 12 26.33 1.31 -0.66
C ASP A 12 27.05 0.06 -0.20
N TYR A 13 26.32 -1.04 0.03
CA TYR A 13 26.96 -2.34 0.24
C TYR A 13 27.65 -2.70 -1.07
N PRO A 14 28.55 -3.68 -1.06
CA PRO A 14 29.27 -4.03 -2.27
C PRO A 14 28.34 -4.40 -3.45
N GLU A 15 27.16 -4.93 -3.16
CA GLU A 15 26.26 -5.33 -4.23
C GLU A 15 24.89 -4.67 -3.97
N MET A 16 24.19 -4.29 -5.02
CA MET A 16 22.82 -3.76 -4.83
C MET A 16 21.91 -4.89 -4.39
N GLY A 17 22.15 -6.08 -4.92
CA GLY A 17 21.35 -7.25 -4.59
C GLY A 17 20.84 -8.01 -5.81
N LEU A 18 20.08 -9.05 -5.51
CA LEU A 18 19.47 -9.85 -6.57
C LEU A 18 18.18 -9.24 -7.05
N CYS A 19 17.89 -9.49 -8.33
CA CYS A 19 16.62 -9.17 -8.91
C CYS A 19 16.11 -10.44 -9.58
N ILE A 20 15.20 -11.17 -8.94
CA ILE A 20 14.70 -12.43 -9.51
C ILE A 20 13.47 -12.09 -10.33
N ILE A 21 13.43 -12.47 -11.60
CA ILE A 21 12.26 -12.19 -12.44
C ILE A 21 11.63 -13.51 -12.80
N ILE A 22 10.41 -13.76 -12.34
CA ILE A 22 9.71 -15.02 -12.66
C ILE A 22 8.72 -14.67 -13.74
N ASN A 23 8.95 -15.24 -14.93
CA ASN A 23 8.20 -14.88 -16.09
C ASN A 23 7.39 -16.07 -16.54
N ASN A 24 6.13 -16.11 -16.16
CA ASN A 24 5.29 -17.24 -16.53
C ASN A 24 4.45 -16.88 -17.77
N LYS A 25 4.78 -17.55 -18.88
CA LYS A 25 4.14 -17.25 -20.15
C LYS A 25 3.17 -18.34 -20.57
N ASN A 26 3.60 -19.59 -20.42
CA ASN A 26 2.77 -20.71 -20.91
C ASN A 26 2.31 -21.53 -19.74
N PHE A 27 1.03 -21.88 -19.75
CA PHE A 27 0.44 -22.59 -18.61
C PHE A 27 -0.04 -23.97 -18.98
N HIS A 28 -0.06 -24.87 -18.01
CA HIS A 28 -0.54 -26.23 -18.31
C HIS A 28 -1.95 -26.22 -18.84
N LYS A 29 -2.24 -27.11 -19.78
CA LYS A 29 -3.61 -27.21 -20.32
C LYS A 29 -4.67 -27.41 -19.25
N SER A 30 -4.36 -28.24 -18.26
CA SER A 30 -5.28 -28.50 -17.15
C SER A 30 -5.76 -27.26 -16.44
N THR A 31 -5.01 -26.15 -16.50
CA THR A 31 -5.44 -24.98 -15.76
C THR A 31 -6.42 -24.11 -16.53
N GLY A 32 -6.43 -24.28 -17.85
CA GLY A 32 -7.23 -23.44 -18.71
C GLY A 32 -6.67 -22.03 -18.92
N MET A 33 -5.53 -21.71 -18.29
CA MET A 33 -4.99 -20.34 -18.39
C MET A 33 -4.37 -20.07 -19.76
N THR A 34 -4.58 -18.86 -20.29
CA THR A 34 -4.09 -18.55 -21.65
C THR A 34 -2.66 -18.06 -21.62
N SER A 35 -2.00 -18.20 -22.76
CA SER A 35 -0.62 -17.80 -22.87
C SER A 35 -0.55 -16.28 -22.71
N ARG A 36 0.48 -15.79 -22.00
CA ARG A 36 0.55 -14.35 -21.68
C ARG A 36 1.40 -13.60 -22.70
N SER A 37 0.90 -13.52 -23.92
CA SER A 37 1.65 -12.83 -25.00
C SER A 37 2.05 -11.44 -24.56
N GLY A 38 3.31 -11.08 -24.80
CA GLY A 38 3.82 -9.77 -24.40
C GLY A 38 4.67 -9.83 -23.13
N THR A 39 4.54 -10.91 -22.38
CA THR A 39 5.32 -11.01 -21.16
C THR A 39 6.83 -11.02 -21.40
N ASP A 40 7.29 -11.56 -22.56
CA ASP A 40 8.72 -11.54 -22.85
C ASP A 40 9.26 -10.12 -23.01
N VAL A 41 8.41 -9.23 -23.50
CA VAL A 41 8.78 -7.85 -23.64
C VAL A 41 9.03 -7.24 -22.25
N ASP A 42 8.08 -7.43 -21.33
CA ASP A 42 8.27 -7.01 -19.94
C ASP A 42 9.54 -7.60 -19.34
N ALA A 43 9.72 -8.91 -19.49
CA ALA A 43 10.86 -9.59 -18.84
C ALA A 43 12.19 -8.99 -19.34
N ALA A 44 12.26 -8.69 -20.63
CA ALA A 44 13.49 -8.13 -21.21
C ALA A 44 13.66 -6.68 -20.73
N ASN A 45 12.55 -5.95 -20.68
CA ASN A 45 12.59 -4.55 -20.22
C ASN A 45 13.07 -4.51 -18.77
N LEU A 46 12.51 -5.37 -17.94
CA LEU A 46 12.93 -5.36 -16.54
C LEU A 46 14.40 -5.78 -16.39
N ARG A 47 14.81 -6.75 -17.18
CA ARG A 47 16.19 -7.25 -17.03
C ARG A 47 17.19 -6.11 -17.30
N GLU A 48 16.92 -5.35 -18.33
CA GLU A 48 17.84 -4.26 -18.73
C GLU A 48 17.75 -3.14 -17.72
N THR A 49 16.52 -2.83 -17.33
CA THR A 49 16.31 -1.77 -16.36
C THR A 49 17.05 -2.01 -15.06
N PHE A 50 16.93 -3.22 -14.52
CA PHE A 50 17.58 -3.53 -13.27
C PHE A 50 19.08 -3.80 -13.43
N ARG A 51 19.48 -4.27 -14.62
CA ARG A 51 20.91 -4.36 -14.89
C ARG A 51 21.55 -2.99 -14.78
N ASN A 52 20.89 -1.99 -15.32
CA ASN A 52 21.39 -0.62 -15.30
C ASN A 52 21.42 -0.03 -13.87
N LEU A 53 20.61 -0.57 -12.97
CA LEU A 53 20.65 -0.16 -11.56
C LEU A 53 21.65 -1.05 -10.78
N LYS A 54 22.38 -1.89 -11.48
CA LYS A 54 23.42 -2.74 -10.87
C LYS A 54 22.91 -3.91 -10.04
N TYR A 55 21.73 -4.40 -10.39
CA TYR A 55 21.23 -5.60 -9.74
C TYR A 55 21.68 -6.85 -10.48
N GLU A 56 21.89 -7.91 -9.72
CA GLU A 56 22.27 -9.20 -10.28
C GLU A 56 20.94 -9.84 -10.68
N VAL A 57 20.62 -9.75 -11.97
CA VAL A 57 19.31 -10.22 -12.45
C VAL A 57 19.34 -11.70 -12.76
N ARG A 58 18.30 -12.41 -12.34
CA ARG A 58 18.18 -13.82 -12.72
C ARG A 58 16.79 -14.00 -13.29
N ASN A 59 16.72 -14.43 -14.54
CA ASN A 59 15.40 -14.64 -15.20
C ASN A 59 15.04 -16.11 -15.10
N LYS A 60 13.79 -16.38 -14.72
CA LYS A 60 13.29 -17.75 -14.64
C LYS A 60 12.00 -17.83 -15.43
N ASN A 61 11.87 -18.85 -16.26
CA ASN A 61 10.69 -18.96 -17.12
C ASN A 61 9.80 -20.16 -16.86
N ASP A 62 8.49 -19.94 -16.88
CA ASP A 62 7.49 -21.01 -16.82
C ASP A 62 7.72 -21.97 -15.66
N LEU A 63 7.64 -21.44 -14.44
CA LEU A 63 7.81 -22.25 -13.24
C LEU A 63 6.47 -22.72 -12.68
N THR A 64 6.45 -23.97 -12.23
CA THR A 64 5.29 -24.51 -11.54
C THR A 64 5.21 -23.82 -10.18
N ARG A 65 4.06 -23.95 -9.52
CA ARG A 65 3.98 -23.34 -8.20
C ARG A 65 5.01 -23.94 -7.26
N GLU A 66 5.25 -25.24 -7.34
CA GLU A 66 6.25 -25.87 -6.51
C GLU A 66 7.65 -25.31 -6.76
N GLU A 67 7.96 -25.04 -8.05
CA GLU A 67 9.27 -24.51 -8.40
C GLU A 67 9.41 -23.07 -7.93
N ILE A 68 8.32 -22.32 -7.98
CA ILE A 68 8.35 -20.96 -7.47
C ILE A 68 8.71 -20.98 -6.00
N VAL A 69 8.01 -21.82 -5.24
CA VAL A 69 8.24 -21.89 -3.79
C VAL A 69 9.67 -22.34 -3.48
N GLU A 70 10.15 -23.35 -4.22
CA GLU A 70 11.49 -23.88 -3.99
C GLU A 70 12.55 -22.84 -4.33
N LEU A 71 12.31 -22.10 -5.42
CA LEU A 71 13.21 -21.07 -5.84
C LEU A 71 13.32 -20.02 -4.76
N MET A 72 12.17 -19.51 -4.30
CA MET A 72 12.14 -18.49 -3.25
C MET A 72 12.79 -18.99 -1.94
N ARG A 73 12.47 -20.23 -1.55
CA ARG A 73 13.14 -20.81 -0.38
C ARG A 73 14.65 -20.79 -0.56
N ASP A 74 15.15 -21.29 -1.70
CA ASP A 74 16.61 -21.34 -1.91
C ASP A 74 17.25 -19.96 -1.88
N VAL A 75 16.62 -19.00 -2.55
CA VAL A 75 17.14 -17.64 -2.64
C VAL A 75 17.18 -17.03 -1.26
N SER A 76 16.18 -17.32 -0.45
CA SER A 76 16.14 -16.75 0.89
C SER A 76 17.18 -17.35 1.80
N LYS A 77 17.71 -18.52 1.44
CA LYS A 77 18.77 -19.15 2.22
C LYS A 77 20.19 -18.76 1.76
N GLU A 78 20.30 -17.97 0.70
CA GLU A 78 21.61 -17.44 0.30
C GLU A 78 22.09 -16.45 1.35
N ASP A 79 23.39 -16.21 1.34
CA ASP A 79 23.93 -15.19 2.22
C ASP A 79 23.90 -13.85 1.47
N HIS A 80 23.01 -12.96 1.91
CA HIS A 80 22.83 -11.65 1.34
C HIS A 80 23.56 -10.55 2.15
N SER A 81 24.56 -10.94 2.95
CA SER A 81 25.25 -9.96 3.79
C SER A 81 25.87 -8.81 3.05
N LYS A 82 26.38 -9.08 1.84
CA LYS A 82 27.03 -8.04 1.07
C LYS A 82 26.11 -7.31 0.12
N ARG A 83 24.81 -7.56 0.25
CA ARG A 83 23.87 -6.99 -0.70
C ARG A 83 23.01 -5.94 0.00
N SER A 84 22.69 -4.87 -0.70
CA SER A 84 21.92 -3.76 -0.11
C SER A 84 20.42 -4.06 0.01
N SER A 85 19.89 -4.89 -0.89
CA SER A 85 18.42 -5.01 -0.99
C SER A 85 18.10 -6.28 -1.75
N PHE A 86 16.81 -6.55 -1.95
CA PHE A 86 16.38 -7.74 -2.67
C PHE A 86 15.16 -7.34 -3.49
N VAL A 87 15.12 -7.76 -4.74
CA VAL A 87 13.98 -7.48 -5.62
C VAL A 87 13.46 -8.78 -6.23
N CYS A 88 12.14 -8.94 -6.21
CA CYS A 88 11.54 -10.11 -6.87
C CYS A 88 10.42 -9.59 -7.74
N VAL A 89 10.44 -9.92 -9.03
CA VAL A 89 9.33 -9.50 -9.91
C VAL A 89 8.57 -10.75 -10.36
N LEU A 90 7.26 -10.72 -10.19
CA LEU A 90 6.38 -11.81 -10.60
C LEU A 90 5.54 -11.35 -11.80
N LEU A 91 5.65 -12.07 -12.92
CA LEU A 91 4.85 -11.79 -14.11
C LEU A 91 4.01 -13.04 -14.38
N SER A 92 2.72 -12.96 -14.09
CA SER A 92 1.87 -14.16 -14.31
C SER A 92 0.41 -13.81 -14.22
N HIS A 93 -0.43 -14.83 -14.36
CA HIS A 93 -1.83 -14.66 -14.02
C HIS A 93 -1.96 -14.54 -12.51
N GLY A 94 -3.05 -13.92 -12.05
CA GLY A 94 -3.22 -13.81 -10.58
C GLY A 94 -4.68 -13.57 -10.22
N GLU A 95 -4.97 -13.60 -8.90
CA GLU A 95 -6.25 -13.22 -8.30
C GLU A 95 -5.81 -12.50 -7.02
N GLU A 96 -6.80 -11.97 -6.27
CA GLU A 96 -6.33 -11.29 -5.05
C GLU A 96 -5.56 -12.21 -4.15
N GLY A 97 -4.34 -11.76 -3.82
CA GLY A 97 -3.50 -12.51 -2.92
C GLY A 97 -2.77 -13.70 -3.54
N ILE A 98 -2.93 -13.90 -4.84
CA ILE A 98 -2.46 -15.13 -5.46
C ILE A 98 -1.71 -14.87 -6.75
N ILE A 99 -0.65 -15.63 -6.99
CA ILE A 99 0.04 -15.59 -8.27
C ILE A 99 0.03 -17.02 -8.82
N PHE A 100 -0.07 -17.18 -10.14
CA PHE A 100 -0.11 -18.54 -10.65
C PHE A 100 1.21 -19.12 -11.11
N GLY A 101 1.48 -20.33 -10.65
CA GLY A 101 2.53 -21.14 -11.24
C GLY A 101 1.93 -21.66 -12.55
N THR A 102 2.73 -22.36 -13.35
CA THR A 102 2.19 -22.87 -14.62
C THR A 102 1.09 -23.92 -14.40
N ASN A 103 1.08 -24.52 -13.21
CA ASN A 103 0.13 -25.59 -12.88
C ASN A 103 -0.91 -25.22 -11.83
N GLY A 104 -0.96 -23.96 -11.43
CA GLY A 104 -1.96 -23.62 -10.43
C GLY A 104 -1.50 -22.50 -9.53
N PRO A 105 -2.40 -22.12 -8.64
CA PRO A 105 -2.20 -20.95 -7.78
C PRO A 105 -1.30 -21.16 -6.57
N VAL A 106 -0.59 -20.10 -6.20
CA VAL A 106 0.10 -20.11 -4.91
C VAL A 106 -0.12 -18.79 -4.21
N ASP A 107 -0.31 -18.83 -2.90
CA ASP A 107 -0.53 -17.55 -2.19
C ASP A 107 0.75 -16.73 -2.15
N LEU A 108 0.64 -15.44 -2.39
CA LEU A 108 1.78 -14.56 -2.35
C LEU A 108 2.47 -14.61 -0.99
N LYS A 109 1.69 -14.81 0.07
CA LYS A 109 2.25 -14.79 1.42
C LYS A 109 3.25 -15.90 1.59
N LYS A 110 3.02 -17.02 0.90
CA LYS A 110 3.94 -18.13 1.01
C LYS A 110 5.30 -17.75 0.47
N ILE A 111 5.31 -17.05 -0.66
CA ILE A 111 6.55 -16.58 -1.28
C ILE A 111 7.24 -15.52 -0.41
N THR A 112 6.46 -14.55 0.09
CA THR A 112 7.10 -13.45 0.82
C THR A 112 7.56 -13.84 2.21
N ASN A 113 6.91 -14.82 2.81
CA ASN A 113 7.28 -15.19 4.18
C ASN A 113 8.70 -15.68 4.34
N PHE A 114 9.29 -16.23 3.27
CA PHE A 114 10.68 -16.70 3.34
C PHE A 114 11.62 -15.54 3.64
N PHE A 115 11.16 -14.32 3.36
CA PHE A 115 12.03 -13.15 3.50
C PHE A 115 11.75 -12.33 4.75
N ARG A 116 10.85 -12.85 5.60
CA ARG A 116 10.53 -12.14 6.84
C ARG A 116 11.82 -11.82 7.59
N GLY A 117 11.79 -10.79 8.45
CA GLY A 117 13.02 -10.41 9.13
C GLY A 117 13.59 -11.50 10.03
N ASP A 118 12.74 -12.40 10.51
CA ASP A 118 13.28 -13.48 11.34
C ASP A 118 13.67 -14.74 10.53
N ARG A 119 13.32 -14.76 9.24
CA ARG A 119 13.57 -15.95 8.41
C ARG A 119 14.69 -15.77 7.41
N CYS A 120 15.00 -14.52 7.05
CA CYS A 120 16.17 -14.30 6.19
C CYS A 120 17.00 -13.23 6.88
N ARG A 121 17.92 -13.67 7.75
CA ARG A 121 18.65 -12.74 8.61
C ARG A 121 19.60 -11.82 7.88
N SER A 122 20.10 -12.27 6.73
CA SER A 122 21.03 -11.43 6.03
C SER A 122 20.31 -10.34 5.21
N LEU A 123 18.96 -10.32 5.27
CA LEU A 123 18.19 -9.22 4.68
C LEU A 123 17.46 -8.40 5.76
N THR A 124 17.61 -8.79 7.03
CA THR A 124 16.99 -8.00 8.10
C THR A 124 17.47 -6.57 8.02
N GLY A 125 16.52 -5.62 8.11
CA GLY A 125 16.83 -4.19 8.02
C GLY A 125 17.04 -3.65 6.62
N LYS A 126 16.95 -4.54 5.62
CA LYS A 126 17.17 -4.15 4.22
C LYS A 126 15.85 -4.22 3.45
N PRO A 127 15.69 -3.34 2.47
CA PRO A 127 14.41 -3.31 1.73
C PRO A 127 14.28 -4.55 0.85
N LYS A 128 13.08 -5.11 0.89
CA LYS A 128 12.71 -6.31 0.11
C LYS A 128 11.53 -5.89 -0.73
N LEU A 129 11.76 -5.83 -2.05
CA LEU A 129 10.77 -5.29 -2.96
C LEU A 129 10.11 -6.38 -3.81
N PHE A 130 8.79 -6.44 -3.80
CA PHE A 130 8.08 -7.40 -4.62
C PHE A 130 7.23 -6.63 -5.62
N ILE A 131 7.52 -6.83 -6.89
CA ILE A 131 6.85 -6.13 -7.96
C ILE A 131 5.95 -7.14 -8.65
N ILE A 132 4.65 -6.87 -8.68
CA ILE A 132 3.68 -7.89 -9.13
C ILE A 132 2.84 -7.46 -10.31
N GLN A 133 3.09 -8.05 -11.48
CA GLN A 133 2.27 -7.82 -12.67
C GLN A 133 1.36 -9.09 -12.77
N ALA A 134 0.13 -8.94 -12.32
CA ALA A 134 -0.86 -10.03 -12.31
C ALA A 134 -2.16 -9.43 -11.89
N CYS A 135 -3.25 -10.04 -12.31
CA CYS A 135 -4.55 -9.52 -11.87
C CYS A 135 -4.75 -9.75 -10.40
N ARG A 136 -5.64 -8.94 -9.83
CA ARG A 136 -5.99 -9.07 -8.42
C ARG A 136 -7.50 -9.33 -8.29
N GLY A 137 -8.07 -9.91 -9.35
CA GLY A 137 -9.50 -10.13 -9.45
C GLY A 137 -9.91 -9.77 -10.88
N THR A 138 -11.20 -9.65 -11.11
CA THR A 138 -11.72 -9.53 -12.48
C THR A 138 -12.43 -8.22 -12.75
N GLU A 139 -12.47 -7.33 -11.76
CA GLU A 139 -13.16 -6.06 -11.97
C GLU A 139 -12.46 -5.16 -12.96
N LEU A 140 -13.27 -4.43 -13.74
CA LEU A 140 -12.76 -3.46 -14.73
C LEU A 140 -13.12 -2.07 -14.24
N ASP A 141 -12.15 -1.17 -14.35
CA ASP A 141 -12.33 0.23 -13.92
C ASP A 141 -12.77 1.02 -15.16
N CYS A 142 -14.02 1.49 -15.13
CA CYS A 142 -14.56 2.21 -16.31
C CYS A 142 -14.00 3.64 -16.41
N GLY A 143 -13.39 4.12 -15.33
CA GLY A 143 -12.84 5.46 -15.31
C GLY A 143 -13.90 6.56 -15.29
N ILE A 144 -13.40 7.79 -15.22
CA ILE A 144 -14.26 8.96 -15.23
C ILE A 144 -13.58 10.03 -16.02
N GLU A 145 -14.39 10.69 -16.85
CA GLU A 145 -13.83 11.73 -17.70
C GLU A 145 -13.36 12.87 -16.87
N THR A 146 -12.19 13.41 -17.19
CA THR A 146 -11.68 14.54 -16.40
C THR A 146 -12.14 15.90 -16.94
N ASP A 151 7.32 5.18 31.02
CA ASP A 151 8.14 4.89 29.84
C ASP A 151 8.97 3.62 30.10
N ASP A 152 8.88 2.69 29.17
CA ASP A 152 9.61 1.44 29.21
C ASP A 152 10.31 1.49 27.87
N ASP A 153 11.64 1.58 27.92
CA ASP A 153 12.41 1.82 26.72
C ASP A 153 12.89 0.54 26.08
N MET A 154 12.27 0.16 24.97
CA MET A 154 12.72 -0.99 24.22
C MET A 154 13.01 -0.57 22.78
N ALA A 155 13.22 0.72 22.57
CA ALA A 155 13.52 1.24 21.24
C ALA A 155 14.64 0.42 20.60
N CYS A 156 14.36 -0.10 19.40
CA CYS A 156 15.25 -0.95 18.58
C CYS A 156 15.94 -2.14 19.26
N HIS A 157 15.24 -2.78 20.17
CA HIS A 157 15.66 -4.07 20.70
C HIS A 157 15.28 -4.97 19.50
N LYS A 158 14.08 -4.76 18.96
CA LYS A 158 13.64 -5.58 17.84
C LYS A 158 12.95 -4.73 16.78
N ILE A 159 12.87 -5.29 15.58
CA ILE A 159 11.99 -4.72 14.55
C ILE A 159 10.91 -5.74 14.19
N PRO A 160 9.76 -5.31 13.63
CA PRO A 160 8.74 -6.26 13.21
C PRO A 160 9.26 -7.20 12.09
N VAL A 161 8.79 -8.45 12.05
CA VAL A 161 9.26 -9.37 11.00
C VAL A 161 8.72 -8.95 9.65
N ASP A 162 7.64 -8.17 9.64
CA ASP A 162 7.09 -7.69 8.35
C ASP A 162 7.61 -6.31 7.95
N ALA A 163 8.48 -5.71 8.76
CA ALA A 163 9.05 -4.45 8.35
C ALA A 163 9.96 -4.62 7.12
N ASP A 164 10.09 -3.51 6.39
CA ASP A 164 11.01 -3.37 5.24
C ASP A 164 10.64 -4.15 4.01
N PHE A 165 9.34 -4.37 3.84
CA PHE A 165 8.82 -4.92 2.59
C PHE A 165 8.11 -3.81 1.84
N LEU A 166 8.20 -3.82 0.50
CA LEU A 166 7.44 -2.90 -0.35
C LEU A 166 6.84 -3.77 -1.45
N TYR A 167 5.55 -3.62 -1.72
CA TYR A 167 4.93 -4.31 -2.84
C TYR A 167 4.51 -3.28 -3.85
N ALA A 168 4.89 -3.48 -5.11
CA ALA A 168 4.46 -2.58 -6.15
C ALA A 168 3.54 -3.40 -7.00
N TYR A 169 2.26 -3.31 -6.70
CA TYR A 169 1.24 -4.02 -7.46
C TYR A 169 0.84 -3.24 -8.71
N SER A 170 0.57 -3.98 -9.78
CA SER A 170 0.21 -3.35 -11.05
C SER A 170 -1.16 -2.70 -11.02
N THR A 171 -1.96 -3.11 -10.05
CA THR A 171 -3.37 -2.74 -10.05
C THR A 171 -3.98 -2.71 -8.67
N ALA A 172 -5.15 -2.11 -8.59
CA ALA A 172 -5.88 -1.97 -7.31
C ALA A 172 -6.40 -3.30 -6.82
N PRO A 173 -6.61 -3.43 -5.51
CA PRO A 173 -7.18 -4.67 -4.98
C PRO A 173 -8.49 -5.02 -5.70
N GLY A 174 -8.63 -6.29 -6.13
CA GLY A 174 -9.86 -6.78 -6.77
C GLY A 174 -9.97 -6.56 -8.27
N TYR A 175 -8.97 -5.87 -8.85
CA TYR A 175 -9.07 -5.44 -10.26
C TYR A 175 -8.21 -6.22 -11.27
N TYR A 176 -8.66 -6.18 -12.52
CA TYR A 176 -7.96 -6.74 -13.66
C TYR A 176 -6.67 -5.96 -13.89
N SER A 177 -5.74 -6.57 -14.62
CA SER A 177 -4.44 -5.91 -14.93
C SER A 177 -4.12 -6.12 -16.41
N TRP A 178 -3.88 -5.02 -17.11
CA TRP A 178 -3.83 -5.00 -18.59
C TRP A 178 -2.46 -5.28 -19.17
N ARG A 179 -2.45 -6.00 -20.30
CA ARG A 179 -1.20 -6.35 -20.98
C ARG A 179 -1.54 -6.42 -22.44
N ASN A 180 -0.57 -6.07 -23.27
CA ASN A 180 -0.77 -6.19 -24.72
C ASN A 180 0.41 -6.99 -25.32
N SER A 181 0.19 -7.75 -26.38
CA SER A 181 1.24 -8.59 -26.94
C SER A 181 2.45 -7.83 -27.47
N LYS A 182 2.23 -6.65 -28.01
CA LYS A 182 3.31 -5.94 -28.61
C LYS A 182 4.17 -5.15 -27.62
N ASP A 183 3.55 -4.51 -26.65
CA ASP A 183 4.31 -3.65 -25.74
C ASP A 183 4.48 -4.14 -24.33
N GLY A 184 3.81 -5.23 -24.00
CA GLY A 184 3.92 -5.77 -22.65
C GLY A 184 2.80 -5.15 -21.81
N SER A 185 2.96 -5.25 -20.51
CA SER A 185 1.91 -4.75 -19.62
C SER A 185 1.99 -3.25 -19.38
N TRP A 186 0.82 -2.64 -19.15
CA TRP A 186 0.80 -1.19 -18.91
C TRP A 186 1.73 -0.84 -17.75
N PHE A 187 1.65 -1.61 -16.67
CA PHE A 187 2.43 -1.33 -15.50
C PHE A 187 3.93 -1.50 -15.69
N ILE A 188 4.35 -2.66 -16.20
CA ILE A 188 5.79 -2.86 -16.32
C ILE A 188 6.37 -1.87 -17.32
N GLN A 189 5.64 -1.64 -18.42
CA GLN A 189 6.08 -0.62 -19.38
C GLN A 189 6.36 0.71 -18.66
N SER A 190 5.40 1.13 -17.84
CA SER A 190 5.50 2.37 -17.10
C SER A 190 6.57 2.38 -16.02
N LEU A 191 6.66 1.31 -15.28
CA LEU A 191 7.64 1.21 -14.20
C LEU A 191 9.08 1.34 -14.69
N CYS A 192 9.36 0.65 -15.80
CA CYS A 192 10.70 0.63 -16.41
C CYS A 192 11.01 2.01 -16.93
N ALA A 193 10.02 2.62 -17.59
CA ALA A 193 10.23 3.99 -18.09
C ALA A 193 10.57 4.94 -16.97
N MET A 194 9.79 4.92 -15.90
CA MET A 194 10.03 5.88 -14.83
C MET A 194 11.35 5.55 -14.08
N LEU A 195 11.72 4.27 -13.96
CA LEU A 195 13.01 3.98 -13.35
C LEU A 195 14.13 4.48 -14.27
N LYS A 196 13.98 4.28 -15.58
CA LYS A 196 15.03 4.78 -16.49
C LYS A 196 15.18 6.27 -16.35
N GLN A 197 14.06 6.96 -16.22
CA GLN A 197 14.15 8.41 -16.19
C GLN A 197 14.55 9.00 -14.83
N TYR A 198 14.13 8.36 -13.75
CA TYR A 198 14.19 9.01 -12.44
C TYR A 198 14.99 8.27 -11.37
N ALA A 199 15.51 7.07 -11.64
CA ALA A 199 16.18 6.34 -10.58
C ALA A 199 17.44 7.02 -10.06
N ASP A 200 18.06 7.85 -10.90
CA ASP A 200 19.25 8.56 -10.42
C ASP A 200 18.92 9.87 -9.74
N LYS A 201 17.64 10.13 -9.47
CA LYS A 201 17.28 11.41 -8.85
C LYS A 201 16.15 11.40 -7.82
N LEU A 202 15.19 10.49 -7.94
CA LEU A 202 14.00 10.54 -7.09
C LEU A 202 13.97 9.39 -6.10
N GLU A 203 13.39 9.63 -4.93
CA GLU A 203 13.16 8.57 -3.95
C GLU A 203 12.13 7.58 -4.54
N PHE A 204 12.23 6.30 -4.16
CA PHE A 204 11.43 5.24 -4.82
C PHE A 204 9.92 5.46 -4.73
N MET A 205 9.40 5.93 -3.60
CA MET A 205 7.95 6.10 -3.54
C MET A 205 7.53 7.19 -4.50
N HIS A 206 8.40 8.17 -4.68
CA HIS A 206 8.10 9.21 -5.65
C HIS A 206 8.19 8.70 -7.08
N ILE A 207 9.13 7.77 -7.33
CA ILE A 207 9.15 7.13 -8.68
C ILE A 207 7.86 6.36 -8.91
N LEU A 208 7.45 5.58 -7.90
CA LEU A 208 6.22 4.75 -8.07
C LEU A 208 4.98 5.61 -8.22
N THR A 209 4.97 6.80 -7.62
CA THR A 209 3.83 7.68 -7.76
C THR A 209 3.76 8.19 -9.20
N ARG A 210 4.93 8.47 -9.81
CA ARG A 210 4.91 8.82 -11.22
C ARG A 210 4.44 7.66 -12.09
N VAL A 211 4.77 6.45 -11.69
CA VAL A 211 4.28 5.27 -12.39
C VAL A 211 2.76 5.21 -12.28
N ASN A 212 2.22 5.45 -11.07
CA ASN A 212 0.77 5.44 -10.92
C ASN A 212 0.14 6.48 -11.90
N ARG A 213 0.72 7.67 -11.96
CA ARG A 213 0.11 8.70 -12.80
C ARG A 213 0.19 8.31 -14.27
N LYS A 214 1.33 7.77 -14.67
CA LYS A 214 1.51 7.36 -16.07
C LYS A 214 0.50 6.31 -16.50
N VAL A 215 0.36 5.25 -15.70
CA VAL A 215 -0.62 4.21 -16.01
C VAL A 215 -2.03 4.82 -15.96
N ALA A 216 -2.32 5.60 -14.94
CA ALA A 216 -3.66 6.17 -14.82
C ALA A 216 -4.06 7.11 -15.94
N THR A 217 -3.10 7.87 -16.45
CA THR A 217 -3.46 8.91 -17.44
C THR A 217 -3.27 8.52 -18.92
N GLU A 218 -2.21 7.80 -19.20
CA GLU A 218 -1.84 7.52 -20.60
C GLU A 218 -2.42 6.27 -21.25
N PHE A 219 -2.98 5.38 -20.46
CA PHE A 219 -3.50 4.15 -21.00
C PHE A 219 -5.02 4.04 -20.91
N GLU A 220 -5.64 3.56 -21.99
CA GLU A 220 -7.06 3.28 -21.97
C GLU A 220 -7.34 2.17 -22.97
N SER A 221 -8.16 1.19 -22.61
CA SER A 221 -8.31 0.08 -23.54
C SER A 221 -9.18 0.49 -24.70
N PHE A 222 -8.94 -0.15 -25.85
CA PHE A 222 -9.83 0.01 -27.02
C PHE A 222 -10.26 -1.38 -27.47
N SER A 223 -11.59 -1.60 -27.57
CA SER A 223 -12.07 -2.94 -27.92
C SER A 223 -13.35 -2.94 -28.69
N PHE A 224 -13.46 -3.87 -29.64
CA PHE A 224 -14.72 -4.03 -30.34
C PHE A 224 -15.79 -4.58 -29.38
N ASP A 225 -15.36 -5.27 -28.31
CA ASP A 225 -16.20 -5.83 -27.25
C ASP A 225 -16.49 -4.67 -26.26
N ALA A 226 -17.72 -4.19 -26.25
CA ALA A 226 -18.06 -3.04 -25.42
C ALA A 226 -17.79 -3.27 -23.93
N THR A 227 -17.87 -4.53 -23.52
CA THR A 227 -17.63 -4.86 -22.12
C THR A 227 -16.16 -4.73 -21.76
N PHE A 228 -15.29 -4.61 -22.75
CA PHE A 228 -13.83 -4.62 -22.52
C PHE A 228 -13.24 -3.27 -22.98
N HIS A 229 -14.10 -2.33 -23.34
CA HIS A 229 -13.68 -1.10 -24.01
C HIS A 229 -13.60 0.12 -23.08
N ALA A 230 -12.59 0.97 -23.34
CA ALA A 230 -12.41 2.27 -22.67
C ALA A 230 -12.14 2.10 -21.18
N LYS A 231 -11.46 1.00 -20.86
CA LYS A 231 -11.14 0.69 -19.45
C LYS A 231 -9.81 1.30 -19.01
N LYS A 232 -9.64 1.43 -17.67
CA LYS A 232 -8.51 2.17 -17.11
C LYS A 232 -7.93 1.34 -15.97
N GLN A 233 -6.79 1.79 -15.47
CA GLN A 233 -6.10 1.02 -14.42
C GLN A 233 -5.29 1.96 -13.55
N ILE A 234 -5.29 1.72 -12.23
CA ILE A 234 -4.41 2.45 -11.29
C ILE A 234 -3.58 1.38 -10.53
N PRO A 235 -2.28 1.50 -10.56
CA PRO A 235 -1.44 0.58 -9.78
C PRO A 235 -1.54 0.92 -8.31
N CYS A 236 -0.95 0.06 -7.48
CA CYS A 236 -1.20 0.17 -6.03
C CYS A 236 0.08 -0.11 -5.25
N ILE A 237 0.60 0.92 -4.58
CA ILE A 237 1.86 0.79 -3.86
C ILE A 237 1.57 0.39 -2.42
N VAL A 238 2.20 -0.68 -1.91
CA VAL A 238 1.98 -1.03 -0.51
C VAL A 238 3.33 -1.00 0.20
N SER A 239 3.52 0.00 1.06
CA SER A 239 4.82 0.13 1.70
C SER A 239 4.77 -0.14 3.18
N MET A 240 5.58 -1.12 3.57
CA MET A 240 5.90 -1.38 4.98
C MET A 240 7.40 -1.03 5.18
N LEU A 241 7.92 -0.16 4.33
CA LEU A 241 9.33 0.31 4.46
C LEU A 241 9.46 1.25 5.63
N THR A 242 10.67 1.34 6.18
CA THR A 242 10.88 2.21 7.35
C THR A 242 11.86 3.35 7.04
N LYS A 243 12.38 3.40 5.80
CA LYS A 243 13.29 4.47 5.40
C LYS A 243 13.05 4.84 3.95
N GLU A 244 13.61 5.99 3.55
CA GLU A 244 13.60 6.38 2.14
C GLU A 244 14.57 5.45 1.39
N LEU A 245 14.24 5.17 0.14
CA LEU A 245 15.05 4.30 -0.71
C LEU A 245 15.47 5.04 -1.98
N TYR A 246 16.79 5.20 -2.17
CA TYR A 246 17.36 5.80 -3.39
C TYR A 246 18.23 4.72 -4.03
N PHE A 247 18.13 4.52 -5.34
CA PHE A 247 18.94 3.47 -5.98
C PHE A 247 20.40 3.87 -6.18
N TYR A 248 20.67 5.15 -5.90
CA TYR A 248 22.02 5.68 -6.04
C TYR A 248 22.56 6.12 -4.67
N HIS A 249 23.85 6.39 -4.59
CA HIS A 249 24.39 6.99 -3.36
C HIS A 249 25.32 8.14 -3.70
N ASP B 6 0.30 18.15 -12.91
CA ASP B 6 1.73 18.36 -12.55
C ASP B 6 2.30 17.19 -11.73
N ASN B 7 3.26 17.46 -10.85
CA ASN B 7 3.88 16.42 -9.99
C ASN B 7 3.29 16.43 -8.59
N SER B 8 2.64 17.52 -8.24
CA SER B 8 2.01 17.53 -6.91
C SER B 8 0.60 18.04 -6.94
N TYR B 9 -0.21 17.58 -5.98
CA TYR B 9 -1.60 17.97 -5.96
C TYR B 9 -1.73 19.45 -5.63
N LYS B 10 -2.67 20.09 -6.28
CA LYS B 10 -3.00 21.50 -5.98
C LYS B 10 -3.62 21.54 -4.57
N MET B 11 -2.96 22.17 -3.62
CA MET B 11 -3.46 22.21 -2.26
C MET B 11 -3.77 23.64 -1.84
N ASP B 12 -3.97 24.53 -2.82
CA ASP B 12 -4.29 25.91 -2.51
C ASP B 12 -5.71 26.32 -2.88
N TYR B 13 -6.64 25.36 -2.87
CA TYR B 13 -8.05 25.70 -2.94
C TYR B 13 -8.35 26.50 -1.67
N PRO B 14 -9.50 27.16 -1.63
CA PRO B 14 -9.81 27.98 -0.45
C PRO B 14 -9.80 27.21 0.87
N GLU B 15 -10.11 25.91 0.82
CA GLU B 15 -10.15 25.08 2.00
C GLU B 15 -9.30 23.84 1.79
N MET B 16 -8.57 23.42 2.82
CA MET B 16 -7.83 22.13 2.76
C MET B 16 -8.82 20.97 2.58
N GLY B 17 -9.94 21.01 3.29
CA GLY B 17 -11.02 20.04 3.15
C GLY B 17 -11.54 19.50 4.49
N LEU B 18 -12.43 18.52 4.41
CA LEU B 18 -12.94 17.91 5.63
C LEU B 18 -12.02 16.85 6.20
N CYS B 19 -12.01 16.74 7.53
CA CYS B 19 -11.38 15.61 8.21
C CYS B 19 -12.46 14.99 9.11
N ILE B 20 -13.02 13.87 8.65
CA ILE B 20 -14.06 13.18 9.40
C ILE B 20 -13.36 12.17 10.31
N ILE B 21 -13.61 12.24 11.62
CA ILE B 21 -13.03 11.29 12.59
C ILE B 21 -14.16 10.47 13.18
N ILE B 22 -14.18 9.16 12.92
CA ILE B 22 -15.23 8.30 13.46
C ILE B 22 -14.55 7.53 14.58
N ASN B 23 -14.99 7.86 15.78
CA ASN B 23 -14.40 7.35 16.99
C ASN B 23 -15.36 6.36 17.67
N ASN B 24 -15.16 5.06 17.46
CA ASN B 24 -16.02 4.04 18.05
C ASN B 24 -15.36 3.45 19.31
N LYS B 25 -15.97 3.75 20.46
CA LYS B 25 -15.41 3.33 21.74
C LYS B 25 -16.17 2.21 22.41
N ASN B 26 -17.50 2.30 22.38
CA ASN B 26 -18.34 1.34 23.05
C ASN B 26 -19.16 0.56 22.04
N PHE B 27 -19.24 -0.74 22.25
CA PHE B 27 -19.85 -1.64 21.26
C PHE B 27 -21.00 -2.43 21.86
N HIS B 28 -21.93 -2.87 21.02
CA HIS B 28 -23.12 -3.61 21.46
C HIS B 28 -22.70 -4.98 21.99
N LYS B 29 -23.49 -5.51 22.93
CA LYS B 29 -23.20 -6.83 23.50
C LYS B 29 -22.94 -7.93 22.48
N SER B 30 -23.71 -7.96 21.40
CA SER B 30 -23.62 -9.06 20.46
C SER B 30 -22.29 -9.07 19.73
N THR B 31 -21.56 -7.97 19.77
CA THR B 31 -20.29 -7.96 19.04
C THR B 31 -19.22 -8.67 19.78
N GLY B 32 -19.38 -8.82 21.10
CA GLY B 32 -18.32 -9.37 21.91
C GLY B 32 -17.10 -8.45 21.99
N MET B 33 -17.23 -7.19 21.55
CA MET B 33 -16.07 -6.28 21.52
C MET B 33 -15.92 -5.49 22.82
N THR B 34 -14.67 -5.41 23.29
CA THR B 34 -14.37 -4.64 24.51
C THR B 34 -14.33 -3.13 24.19
N SER B 35 -14.57 -2.32 25.22
CA SER B 35 -14.46 -0.88 25.15
C SER B 35 -13.04 -0.50 24.75
N ARG B 36 -12.92 0.43 23.80
CA ARG B 36 -11.60 0.75 23.29
C ARG B 36 -10.95 1.88 24.08
N SER B 37 -10.60 1.57 25.32
CA SER B 37 -9.94 2.57 26.20
C SER B 37 -8.77 3.20 25.50
N GLY B 38 -8.64 4.52 25.60
CA GLY B 38 -7.54 5.21 24.94
C GLY B 38 -7.92 5.86 23.63
N THR B 39 -9.01 5.39 23.03
CA THR B 39 -9.43 5.99 21.74
C THR B 39 -9.75 7.47 21.80
N ASP B 40 -10.23 7.96 22.95
CA ASP B 40 -10.47 9.40 23.03
C ASP B 40 -9.17 10.22 22.99
N VAL B 41 -8.06 9.65 23.47
CA VAL B 41 -6.78 10.31 23.37
C VAL B 41 -6.43 10.40 21.88
N ASP B 42 -6.70 9.33 21.13
CA ASP B 42 -6.44 9.36 19.68
C ASP B 42 -7.29 10.43 18.99
N ALA B 43 -8.58 10.40 19.30
CA ALA B 43 -9.56 11.31 18.67
C ALA B 43 -9.15 12.76 18.90
N ALA B 44 -8.78 13.07 20.14
CA ALA B 44 -8.40 14.45 20.48
C ALA B 44 -7.06 14.83 19.82
N ASN B 45 -6.11 13.89 19.73
CA ASN B 45 -4.80 14.17 19.13
C ASN B 45 -5.06 14.45 17.64
N LEU B 46 -5.88 13.62 17.00
CA LEU B 46 -6.16 13.84 15.58
C LEU B 46 -6.87 15.16 15.35
N ARG B 47 -7.80 15.47 16.23
CA ARG B 47 -8.57 16.69 16.00
C ARG B 47 -7.61 17.89 16.00
N GLU B 48 -6.72 17.93 16.96
CA GLU B 48 -5.80 19.06 17.09
C GLU B 48 -4.80 19.10 15.95
N THR B 49 -4.26 17.93 15.59
CA THR B 49 -3.28 17.82 14.51
C THR B 49 -3.82 18.33 13.19
N PHE B 50 -5.02 17.85 12.84
CA PHE B 50 -5.66 18.27 11.60
C PHE B 50 -6.21 19.69 11.63
N ARG B 51 -6.63 20.15 12.82
CA ARG B 51 -7.00 21.55 12.95
C ARG B 51 -5.80 22.44 12.58
N ASN B 52 -4.63 22.05 13.06
CA ASN B 52 -3.40 22.81 12.79
C ASN B 52 -3.00 22.76 11.31
N LEU B 53 -3.40 21.72 10.62
CA LEU B 53 -3.22 21.65 9.16
C LEU B 53 -4.34 22.39 8.39
N LYS B 54 -5.27 23.02 9.12
CA LYS B 54 -6.37 23.78 8.52
C LYS B 54 -7.48 22.94 7.85
N TYR B 55 -7.69 21.71 8.35
CA TYR B 55 -8.84 20.91 7.94
C TYR B 55 -10.01 21.21 8.80
N GLU B 56 -11.20 21.12 8.21
CA GLU B 56 -12.47 21.27 8.92
C GLU B 56 -12.77 19.92 9.56
N VAL B 57 -12.48 19.80 10.84
CA VAL B 57 -12.66 18.50 11.51
C VAL B 57 -14.06 18.32 12.03
N ARG B 58 -14.62 17.13 11.77
CA ARG B 58 -15.90 16.75 12.36
C ARG B 58 -15.70 15.44 13.13
N ASN B 59 -15.90 15.47 14.45
CA ASN B 59 -15.80 14.24 15.24
C ASN B 59 -17.14 13.57 15.38
N LYS B 60 -17.18 12.25 15.19
CA LYS B 60 -18.42 11.51 15.39
C LYS B 60 -18.10 10.37 16.35
N ASN B 61 -19.00 10.10 17.28
CA ASN B 61 -18.71 9.07 18.30
C ASN B 61 -19.72 7.94 18.33
N ASP B 62 -19.21 6.72 18.49
CA ASP B 62 -20.07 5.55 18.63
C ASP B 62 -21.20 5.46 17.59
N LEU B 63 -20.82 5.36 16.32
CA LEU B 63 -21.77 5.20 15.24
C LEU B 63 -22.04 3.72 14.91
N THR B 64 -23.30 3.36 14.68
CA THR B 64 -23.58 2.02 14.17
C THR B 64 -23.02 1.92 12.75
N ARG B 65 -22.96 0.72 12.20
CA ARG B 65 -22.46 0.59 10.85
C ARG B 65 -23.38 1.29 9.87
N GLU B 66 -24.68 1.26 10.15
CA GLU B 66 -25.61 1.98 9.25
C GLU B 66 -25.38 3.51 9.30
N GLU B 67 -25.09 4.01 10.47
CA GLU B 67 -24.81 5.44 10.60
C GLU B 67 -23.50 5.81 9.92
N ILE B 68 -22.52 4.92 9.99
CA ILE B 68 -21.26 5.21 9.29
C ILE B 68 -21.54 5.31 7.78
N VAL B 69 -22.28 4.35 7.24
CA VAL B 69 -22.53 4.31 5.81
C VAL B 69 -23.38 5.52 5.37
N GLU B 70 -24.32 5.94 6.22
CA GLU B 70 -25.18 7.07 5.92
C GLU B 70 -24.38 8.35 6.00
N LEU B 71 -23.54 8.44 7.02
CA LEU B 71 -22.65 9.60 7.15
C LEU B 71 -21.73 9.76 5.93
N MET B 72 -21.08 8.67 5.51
CA MET B 72 -20.19 8.73 4.35
C MET B 72 -20.98 9.08 3.08
N ARG B 73 -22.17 8.50 2.92
CA ARG B 73 -22.99 8.83 1.75
C ARG B 73 -23.28 10.32 1.75
N ASP B 74 -23.71 10.85 2.88
CA ASP B 74 -24.02 12.29 2.94
C ASP B 74 -22.82 13.19 2.69
N VAL B 75 -21.69 12.86 3.29
CA VAL B 75 -20.48 13.66 3.13
C VAL B 75 -20.06 13.63 1.67
N SER B 76 -20.22 12.48 1.03
CA SER B 76 -19.80 12.39 -0.37
C SER B 76 -20.73 13.18 -1.29
N LYS B 77 -21.91 13.51 -0.80
CA LYS B 77 -22.83 14.28 -1.62
C LYS B 77 -22.68 15.77 -1.40
N GLU B 78 -21.81 16.19 -0.46
CA GLU B 78 -21.53 17.62 -0.29
C GLU B 78 -20.81 18.14 -1.50
N ASP B 79 -20.85 19.45 -1.69
CA ASP B 79 -20.07 20.07 -2.77
C ASP B 79 -18.67 20.38 -2.23
N HIS B 80 -17.66 19.61 -2.67
CA HIS B 80 -16.28 19.81 -2.23
C HIS B 80 -15.48 20.60 -3.26
N SER B 81 -16.15 21.37 -4.12
CA SER B 81 -15.40 22.11 -5.16
C SER B 81 -14.30 23.02 -4.65
N LYS B 82 -14.51 23.68 -3.50
CA LYS B 82 -13.55 24.62 -2.95
C LYS B 82 -12.60 23.95 -1.96
N ARG B 83 -12.64 22.62 -1.92
CA ARG B 83 -11.77 21.90 -0.99
C ARG B 83 -10.65 21.18 -1.73
N SER B 84 -9.45 21.19 -1.15
CA SER B 84 -8.29 20.57 -1.82
C SER B 84 -8.25 19.05 -1.73
N SER B 85 -8.80 18.52 -0.64
CA SER B 85 -8.60 17.10 -0.35
C SER B 85 -9.70 16.63 0.59
N PHE B 86 -9.67 15.35 0.97
CA PHE B 86 -10.66 14.80 1.91
C PHE B 86 -9.95 13.79 2.80
N VAL B 87 -10.23 13.85 4.11
CA VAL B 87 -9.62 12.92 5.03
C VAL B 87 -10.69 12.23 5.85
N CYS B 88 -10.57 10.90 6.02
CA CYS B 88 -11.49 10.20 6.88
C CYS B 88 -10.66 9.31 7.79
N VAL B 89 -10.88 9.45 9.09
CA VAL B 89 -10.14 8.60 10.05
C VAL B 89 -11.09 7.64 10.75
N LEU B 90 -10.79 6.35 10.74
CA LEU B 90 -11.66 5.38 11.39
C LEU B 90 -10.95 4.78 12.60
N LEU B 91 -11.56 4.86 13.78
CA LEU B 91 -10.96 4.30 14.98
C LEU B 91 -11.94 3.27 15.49
N SER B 92 -11.63 1.98 15.34
CA SER B 92 -12.58 0.99 15.82
C SER B 92 -11.96 -0.37 15.88
N HIS B 93 -12.76 -1.38 16.24
CA HIS B 93 -12.30 -2.75 16.04
C HIS B 93 -12.36 -3.06 14.57
N GLY B 94 -11.58 -4.03 14.12
CA GLY B 94 -11.68 -4.45 12.71
C GLY B 94 -11.13 -5.84 12.45
N GLU B 95 -11.30 -6.27 11.20
CA GLU B 95 -10.66 -7.48 10.65
C GLU B 95 -10.18 -7.11 9.26
N GLU B 96 -9.49 -8.02 8.56
CA GLU B 96 -9.13 -7.61 7.19
C GLU B 96 -10.27 -7.17 6.33
N GLY B 97 -10.16 -5.95 5.78
CA GLY B 97 -11.18 -5.38 4.90
C GLY B 97 -12.45 -4.88 5.61
N ILE B 98 -12.44 -4.94 6.94
CA ILE B 98 -13.64 -4.65 7.76
C ILE B 98 -13.41 -3.64 8.90
N ILE B 99 -14.34 -2.70 9.10
CA ILE B 99 -14.31 -1.90 10.31
C ILE B 99 -15.60 -2.18 11.09
N PHE B 100 -15.56 -2.06 12.42
CA PHE B 100 -16.79 -2.29 13.16
C PHE B 100 -17.57 -1.02 13.48
N GLY B 101 -18.84 -1.03 13.09
CA GLY B 101 -19.77 -0.08 13.67
C GLY B 101 -20.00 -0.58 15.12
N THR B 102 -20.68 0.18 15.95
CA THR B 102 -20.90 -0.29 17.34
C THR B 102 -21.71 -1.57 17.36
N ASN B 103 -22.47 -1.83 16.28
CA ASN B 103 -23.36 -3.00 16.20
C ASN B 103 -22.91 -4.14 15.32
N GLY B 104 -21.71 -4.02 14.72
CA GLY B 104 -21.26 -5.11 13.85
C GLY B 104 -20.39 -4.62 12.71
N PRO B 105 -19.89 -5.56 11.92
CA PRO B 105 -18.91 -5.24 10.88
C PRO B 105 -19.51 -4.65 9.61
N VAL B 106 -18.72 -3.80 8.95
CA VAL B 106 -19.08 -3.29 7.62
C VAL B 106 -17.80 -3.28 6.78
N ASP B 107 -17.92 -3.69 5.51
CA ASP B 107 -16.75 -3.71 4.63
C ASP B 107 -16.25 -2.29 4.37
N LEU B 108 -14.95 -2.09 4.43
CA LEU B 108 -14.38 -0.77 4.19
C LEU B 108 -14.72 -0.32 2.78
N LYS B 109 -14.80 -1.26 1.85
CA LYS B 109 -15.07 -0.90 0.47
C LYS B 109 -16.43 -0.18 0.37
N LYS B 110 -17.36 -0.53 1.24
CA LYS B 110 -18.67 0.14 1.20
C LYS B 110 -18.57 1.61 1.61
N ILE B 111 -17.63 1.91 2.49
CA ILE B 111 -17.39 3.29 2.92
C ILE B 111 -16.64 4.07 1.86
N THR B 112 -15.59 3.48 1.31
CA THR B 112 -14.73 4.23 0.39
C THR B 112 -15.38 4.41 -0.99
N ASN B 113 -16.28 3.49 -1.36
CA ASN B 113 -16.88 3.51 -2.70
C ASN B 113 -17.61 4.82 -2.98
N PHE B 114 -18.17 5.46 -1.95
CA PHE B 114 -18.89 6.74 -2.17
C PHE B 114 -18.00 7.81 -2.71
N PHE B 115 -16.69 7.62 -2.56
CA PHE B 115 -15.71 8.63 -2.94
C PHE B 115 -14.98 8.37 -4.23
N ARG B 116 -15.34 7.27 -4.92
CA ARG B 116 -14.73 6.99 -6.21
C ARG B 116 -14.82 8.19 -7.14
N GLY B 117 -13.91 8.25 -8.10
CA GLY B 117 -13.86 9.38 -9.01
C GLY B 117 -15.17 9.59 -9.74
N ASP B 118 -15.89 8.52 -10.02
CA ASP B 118 -17.18 8.68 -10.72
C ASP B 118 -18.37 8.96 -9.80
N ARG B 119 -18.19 8.77 -8.50
CA ARG B 119 -19.31 8.95 -7.55
C ARG B 119 -19.26 10.20 -6.72
N CYS B 120 -18.09 10.80 -6.58
CA CYS B 120 -18.01 12.08 -5.87
C CYS B 120 -17.24 13.02 -6.78
N ARG B 121 -17.98 13.69 -7.66
CA ARG B 121 -17.32 14.45 -8.72
C ARG B 121 -16.53 15.65 -8.25
N SER B 122 -16.92 16.22 -7.12
CA SER B 122 -16.22 17.40 -6.67
C SER B 122 -14.91 17.01 -5.96
N LEU B 123 -14.64 15.71 -5.85
CA LEU B 123 -13.33 15.26 -5.35
C LEU B 123 -12.51 14.55 -6.43
N THR B 124 -13.04 14.42 -7.65
CA THR B 124 -12.29 13.79 -8.73
C THR B 124 -10.98 14.55 -8.91
N GLY B 125 -9.87 13.83 -9.00
CA GLY B 125 -8.57 14.45 -9.16
C GLY B 125 -7.93 14.96 -7.88
N LYS B 126 -8.63 14.80 -6.75
CA LYS B 126 -8.10 15.27 -5.48
C LYS B 126 -7.82 14.10 -4.56
N PRO B 127 -6.81 14.23 -3.70
CA PRO B 127 -6.43 13.14 -2.81
C PRO B 127 -7.51 12.89 -1.74
N LYS B 128 -7.81 11.60 -1.57
CA LYS B 128 -8.81 11.08 -0.62
C LYS B 128 -8.05 10.14 0.30
N LEU B 129 -7.89 10.55 1.56
CA LEU B 129 -7.05 9.81 2.49
C LEU B 129 -7.91 9.11 3.53
N PHE B 130 -7.70 7.81 3.71
CA PHE B 130 -8.41 7.03 4.73
C PHE B 130 -7.38 6.51 5.69
N ILE B 131 -7.47 6.96 6.95
CA ILE B 131 -6.51 6.59 8.00
C ILE B 131 -7.23 5.61 8.90
N ILE B 132 -6.68 4.40 9.07
CA ILE B 132 -7.45 3.32 9.72
C ILE B 132 -6.70 2.72 10.90
N GLN B 133 -7.20 2.99 12.11
CA GLN B 133 -6.69 2.34 13.31
C GLN B 133 -7.69 1.25 13.66
N ALA B 134 -7.34 0.00 13.35
CA ALA B 134 -8.20 -1.15 13.60
C ALA B 134 -7.39 -2.37 13.25
N CYS B 135 -7.73 -3.51 13.84
CA CYS B 135 -6.95 -4.72 13.51
C CYS B 135 -7.30 -5.16 12.10
N ARG B 136 -6.42 -5.97 11.52
CA ARG B 136 -6.67 -6.49 10.19
C ARG B 136 -6.57 -7.99 10.23
N GLY B 137 -6.85 -8.51 11.42
CA GLY B 137 -6.70 -9.93 11.65
C GLY B 137 -6.16 -10.16 13.06
N THR B 138 -5.74 -11.38 13.35
CA THR B 138 -5.34 -11.68 14.73
C THR B 138 -3.87 -12.06 14.88
N GLU B 139 -3.11 -11.99 13.82
CA GLU B 139 -1.73 -12.41 13.93
C GLU B 139 -0.95 -11.41 14.79
N LEU B 140 0.05 -11.94 15.53
CA LEU B 140 0.91 -11.04 16.32
C LEU B 140 2.32 -11.16 15.77
N ASP B 141 3.00 -10.02 15.66
CA ASP B 141 4.34 -9.97 15.08
C ASP B 141 5.39 -10.09 16.21
N CYS B 142 6.03 -11.25 16.30
CA CYS B 142 7.03 -11.55 17.35
C CYS B 142 8.31 -10.73 17.20
N GLY B 143 8.52 -10.15 16.02
CA GLY B 143 9.71 -9.35 15.78
C GLY B 143 11.00 -10.14 15.71
N ILE B 144 12.09 -9.42 15.46
CA ILE B 144 13.42 -10.02 15.40
C ILE B 144 14.42 -9.06 15.97
N GLU B 145 15.34 -9.58 16.77
CA GLU B 145 16.30 -8.71 17.40
C GLU B 145 17.20 -8.16 16.35
N THR B 146 17.58 -6.90 16.47
CA THR B 146 18.53 -6.36 15.52
C THR B 146 19.95 -6.27 16.10
N ASP B 151 0.58 5.40 -30.35
CA ASP B 151 -0.30 5.22 -31.50
C ASP B 151 -1.68 5.87 -31.26
N ASP B 152 -2.18 5.76 -30.04
CA ASP B 152 -3.55 6.17 -29.76
C ASP B 152 -3.58 7.02 -28.52
N ASP B 153 -3.78 8.29 -28.76
CA ASP B 153 -3.64 9.29 -27.75
C ASP B 153 -4.94 9.50 -27.02
N MET B 154 -5.10 8.83 -25.89
CA MET B 154 -6.28 9.02 -25.06
C MET B 154 -5.80 9.49 -23.70
N ALA B 155 -4.65 10.15 -23.69
CA ALA B 155 -4.04 10.65 -22.46
C ALA B 155 -4.96 11.73 -21.90
N CYS B 156 -5.59 11.42 -20.77
CA CYS B 156 -6.60 12.31 -20.15
C CYS B 156 -7.28 13.21 -21.20
N HIS B 157 -8.47 12.88 -21.70
CA HIS B 157 -9.42 11.78 -21.42
C HIS B 157 -10.06 11.38 -20.05
N LYS B 158 -9.66 10.23 -19.47
CA LYS B 158 -10.25 9.76 -18.21
C LYS B 158 -9.16 9.39 -17.21
N ILE B 159 -9.57 9.28 -15.94
CA ILE B 159 -8.72 8.67 -14.92
C ILE B 159 -9.48 7.50 -14.30
N PRO B 160 -8.77 6.54 -13.72
CA PRO B 160 -9.44 5.43 -13.06
C PRO B 160 -10.31 5.94 -11.89
N VAL B 161 -11.43 5.28 -11.64
CA VAL B 161 -12.29 5.69 -10.54
C VAL B 161 -11.61 5.40 -9.20
N ASP B 162 -10.65 4.49 -9.19
CA ASP B 162 -9.91 4.22 -7.95
C ASP B 162 -8.66 5.08 -7.78
N ALA B 163 -8.36 5.96 -8.75
CA ALA B 163 -7.20 6.80 -8.60
C ALA B 163 -7.41 7.80 -7.45
N ASP B 164 -6.30 8.21 -6.87
CA ASP B 164 -6.25 9.33 -5.90
C ASP B 164 -6.76 8.98 -4.51
N PHE B 165 -6.66 7.70 -4.17
CA PHE B 165 -6.92 7.25 -2.80
C PHE B 165 -5.60 6.88 -2.15
N LEU B 166 -5.51 7.16 -0.84
CA LEU B 166 -4.38 6.73 -0.02
C LEU B 166 -4.99 6.12 1.25
N TYR B 167 -4.53 4.92 1.63
CA TYR B 167 -4.93 4.33 2.90
C TYR B 167 -3.70 4.30 3.78
N ALA B 168 -3.84 4.84 4.99
CA ALA B 168 -2.76 4.76 5.97
C ALA B 168 -3.26 3.79 7.01
N TYR B 169 -2.92 2.51 6.83
CA TYR B 169 -3.35 1.48 7.78
C TYR B 169 -2.37 1.39 8.95
N SER B 170 -2.94 1.18 10.15
CA SER B 170 -2.12 1.08 11.35
C SER B 170 -1.21 -0.12 11.36
N THR B 171 -1.53 -1.13 10.57
CA THR B 171 -0.84 -2.40 10.67
C THR B 171 -0.88 -3.15 9.40
N ALA B 172 -0.03 -4.16 9.32
CA ALA B 172 0.11 -5.01 8.12
C ALA B 172 -1.13 -5.87 7.90
N PRO B 173 -1.34 -6.30 6.67
CA PRO B 173 -2.47 -7.18 6.42
C PRO B 173 -2.41 -8.45 7.32
N GLY B 174 -3.56 -8.82 7.88
CA GLY B 174 -3.68 -9.99 8.75
C GLY B 174 -3.27 -9.80 10.20
N TYR B 175 -2.80 -8.61 10.58
CA TYR B 175 -2.19 -8.45 11.92
C TYR B 175 -3.05 -7.66 12.91
N TYR B 176 -2.76 -7.87 14.18
CA TYR B 176 -3.32 -7.10 15.31
C TYR B 176 -2.81 -5.68 15.23
N SER B 177 -3.51 -4.78 15.94
CA SER B 177 -3.12 -3.38 16.00
C SER B 177 -3.22 -2.94 17.46
N TRP B 178 -2.12 -2.45 18.00
CA TRP B 178 -2.00 -2.13 19.41
C TRP B 178 -2.48 -0.76 19.85
N ARG B 179 -3.09 -0.73 21.03
CA ARG B 179 -3.67 0.50 21.57
C ARG B 179 -3.40 0.44 23.05
N ASN B 180 -3.05 1.59 23.56
CA ASN B 180 -2.69 1.72 24.94
C ASN B 180 -3.82 2.51 25.62
N SER B 181 -4.22 1.99 26.75
CA SER B 181 -5.36 2.54 27.41
C SER B 181 -5.17 3.97 27.83
N LYS B 182 -3.90 4.38 27.99
CA LYS B 182 -3.54 5.72 28.42
C LYS B 182 -2.96 6.73 27.38
N ASP B 183 -2.25 6.22 26.40
CA ASP B 183 -1.59 7.10 25.47
C ASP B 183 -2.25 6.98 24.11
N GLY B 184 -3.21 6.08 23.98
CA GLY B 184 -3.85 5.88 22.68
C GLY B 184 -3.12 4.84 21.86
N SER B 185 -3.42 4.73 20.57
CA SER B 185 -2.80 3.64 19.80
C SER B 185 -1.43 4.04 19.31
N TRP B 186 -0.56 3.00 19.23
CA TRP B 186 0.78 3.20 18.73
C TRP B 186 0.78 3.98 17.41
N PHE B 187 -0.10 3.58 16.49
CA PHE B 187 -0.06 4.23 15.19
C PHE B 187 -0.52 5.70 15.22
N ILE B 188 -1.68 5.97 15.85
CA ILE B 188 -2.20 7.33 15.82
C ILE B 188 -1.23 8.24 16.59
N GLN B 189 -0.73 7.78 17.73
CA GLN B 189 0.27 8.60 18.47
C GLN B 189 1.43 8.95 17.57
N SER B 190 1.90 7.97 16.80
CA SER B 190 3.07 8.20 15.96
C SER B 190 2.74 9.10 14.73
N LEU B 191 1.57 8.88 14.14
CA LEU B 191 1.12 9.66 12.98
C LEU B 191 0.99 11.14 13.35
N CYS B 192 0.36 11.41 14.50
CA CYS B 192 0.18 12.82 14.92
C CYS B 192 1.52 13.44 15.22
N ALA B 193 2.44 12.68 15.82
CA ALA B 193 3.76 13.23 16.14
C ALA B 193 4.53 13.58 14.87
N MET B 194 4.49 12.70 13.86
CA MET B 194 5.23 12.96 12.61
C MET B 194 4.57 14.08 11.79
N LEU B 195 3.24 14.22 11.85
CA LEU B 195 2.62 15.31 11.12
C LEU B 195 3.00 16.61 11.83
N LYS B 196 2.95 16.60 13.17
CA LYS B 196 3.33 17.81 13.91
C LYS B 196 4.76 18.25 13.53
N GLN B 197 5.64 17.27 13.46
CA GLN B 197 7.05 17.59 13.22
C GLN B 197 7.41 17.91 11.77
N TYR B 198 6.73 17.24 10.84
CA TYR B 198 7.17 17.27 9.45
C TYR B 198 6.17 17.75 8.39
N ALA B 199 4.93 18.05 8.74
CA ALA B 199 3.99 18.45 7.70
C ALA B 199 4.43 19.71 6.95
N ASP B 200 5.25 20.53 7.60
CA ASP B 200 5.70 21.75 6.94
C ASP B 200 6.99 21.59 6.16
N LYS B 201 7.45 20.34 6.00
CA LYS B 201 8.78 20.08 5.45
C LYS B 201 8.91 18.90 4.51
N LEU B 202 8.05 17.89 4.68
CA LEU B 202 8.19 16.64 3.93
C LEU B 202 6.95 16.27 3.15
N GLU B 203 7.14 15.59 2.03
CA GLU B 203 6.03 15.05 1.25
C GLU B 203 5.34 13.94 2.05
N PHE B 204 4.05 13.73 1.85
CA PHE B 204 3.28 12.88 2.75
C PHE B 204 3.76 11.41 2.83
N MET B 205 4.15 10.79 1.71
CA MET B 205 4.66 9.41 1.80
C MET B 205 5.92 9.33 2.67
N HIS B 206 6.73 10.40 2.64
CA HIS B 206 7.90 10.42 3.48
C HIS B 206 7.55 10.60 4.96
N ILE B 207 6.51 11.40 5.25
CA ILE B 207 6.04 11.50 6.63
C ILE B 207 5.52 10.12 7.06
N LEU B 208 4.74 9.47 6.21
CA LEU B 208 4.25 8.14 6.62
C LEU B 208 5.33 7.11 6.81
N THR B 209 6.41 7.24 6.04
CA THR B 209 7.57 6.36 6.19
C THR B 209 8.21 6.56 7.57
N ARG B 210 8.29 7.81 8.02
CA ARG B 210 8.79 8.07 9.37
C ARG B 210 7.85 7.50 10.42
N VAL B 211 6.56 7.50 10.14
CA VAL B 211 5.58 6.89 11.04
C VAL B 211 5.84 5.38 11.12
N ASN B 212 6.04 4.77 9.96
CA ASN B 212 6.39 3.36 9.94
C ASN B 212 7.61 3.07 10.82
N ARG B 213 8.68 3.85 10.67
CA ARG B 213 9.89 3.62 11.43
C ARG B 213 9.64 3.83 12.93
N LYS B 214 8.88 4.85 13.25
CA LYS B 214 8.64 5.16 14.67
C LYS B 214 7.89 4.00 15.35
N VAL B 215 6.81 3.55 14.71
CA VAL B 215 6.03 2.44 15.26
C VAL B 215 6.88 1.19 15.35
N ALA B 216 7.59 0.89 14.27
CA ALA B 216 8.44 -0.31 14.22
C ALA B 216 9.57 -0.38 15.24
N THR B 217 10.14 0.78 15.52
CA THR B 217 11.30 0.82 16.41
C THR B 217 11.00 1.16 17.86
N GLU B 218 10.05 2.04 18.13
CA GLU B 218 9.90 2.52 19.50
C GLU B 218 8.97 1.76 20.40
N PHE B 219 8.10 0.94 19.81
CA PHE B 219 7.08 0.24 20.56
C PHE B 219 7.29 -1.27 20.63
N GLU B 220 7.07 -1.81 21.82
CA GLU B 220 7.10 -3.26 22.01
C GLU B 220 6.20 -3.61 23.18
N SER B 221 5.34 -4.62 23.03
CA SER B 221 4.34 -4.83 24.08
C SER B 221 5.02 -5.51 25.25
N PHE B 222 4.44 -5.32 26.43
CA PHE B 222 4.86 -6.05 27.64
C PHE B 222 3.59 -6.66 28.24
N SER B 223 3.60 -7.98 28.45
CA SER B 223 2.43 -8.64 29.02
C SER B 223 2.75 -9.82 29.90
N PHE B 224 1.96 -9.99 30.96
CA PHE B 224 2.12 -11.19 31.82
C PHE B 224 1.73 -12.43 31.05
N ASP B 225 0.92 -12.26 29.99
CA ASP B 225 0.55 -13.40 29.18
C ASP B 225 1.55 -13.51 28.03
N ALA B 226 2.27 -14.61 27.99
CA ALA B 226 3.29 -14.80 26.95
C ALA B 226 2.76 -14.64 25.54
N THR B 227 1.50 -15.00 25.34
CA THR B 227 0.91 -14.91 24.04
C THR B 227 0.97 -13.48 23.49
N PHE B 228 0.90 -12.51 24.39
CA PHE B 228 0.78 -11.12 23.98
C PHE B 228 2.02 -10.34 24.31
N HIS B 229 3.06 -11.06 24.68
CA HIS B 229 4.23 -10.35 25.21
C HIS B 229 5.32 -10.16 24.15
N ALA B 230 5.95 -8.99 24.18
CA ALA B 230 7.12 -8.71 23.37
C ALA B 230 6.81 -8.62 21.88
N LYS B 231 5.62 -8.10 21.59
CA LYS B 231 5.13 -8.07 20.20
C LYS B 231 5.45 -6.74 19.54
N LYS B 232 5.42 -6.71 18.21
CA LYS B 232 5.83 -5.54 17.43
C LYS B 232 4.79 -5.23 16.40
N GLN B 233 4.90 -4.06 15.78
CA GLN B 233 3.88 -3.70 14.79
C GLN B 233 4.52 -2.89 13.67
N ILE B 234 4.09 -3.14 12.43
CA ILE B 234 4.50 -2.24 11.33
C ILE B 234 3.20 -1.73 10.64
N PRO B 235 3.06 -0.42 10.48
CA PRO B 235 1.92 0.13 9.72
C PRO B 235 2.11 -0.14 8.24
N CYS B 236 1.09 0.22 7.47
CA CYS B 236 1.04 -0.24 6.09
C CYS B 236 0.43 0.86 5.23
N ILE B 237 1.25 1.41 4.36
CA ILE B 237 0.82 2.55 3.53
C ILE B 237 0.36 2.01 2.21
N VAL B 238 -0.87 2.34 1.78
CA VAL B 238 -1.36 1.80 0.51
C VAL B 238 -1.69 3.00 -0.34
N SER B 239 -0.82 3.28 -1.33
CA SER B 239 -1.05 4.48 -2.16
C SER B 239 -1.48 4.18 -3.59
N MET B 240 -2.64 4.72 -3.91
CA MET B 240 -3.15 4.79 -5.28
C MET B 240 -3.19 6.27 -5.70
N LEU B 241 -2.33 7.07 -5.08
CA LEU B 241 -2.23 8.51 -5.43
C LEU B 241 -1.48 8.65 -6.75
N THR B 242 -1.70 9.77 -7.45
CA THR B 242 -1.02 9.98 -8.71
C THR B 242 -0.06 11.18 -8.67
N LYS B 243 0.03 11.87 -7.51
CA LYS B 243 0.92 13.02 -7.37
C LYS B 243 1.43 13.04 -5.95
N GLU B 244 2.49 13.82 -5.76
CA GLU B 244 3.04 14.11 -4.43
C GLU B 244 2.06 15.01 -3.65
N LEU B 245 2.02 14.85 -2.34
CA LEU B 245 1.06 15.59 -1.53
C LEU B 245 1.81 16.35 -0.43
N TYR B 246 1.76 17.69 -0.47
CA TYR B 246 2.41 18.50 0.55
C TYR B 246 1.36 19.26 1.30
N PHE B 247 1.45 19.30 2.62
CA PHE B 247 0.38 19.98 3.37
C PHE B 247 0.57 21.48 3.49
N TYR B 248 1.60 21.98 2.84
CA TYR B 248 1.85 23.41 2.86
C TYR B 248 1.92 23.85 1.40
N HIS B 249 1.69 25.13 1.13
CA HIS B 249 1.81 25.62 -0.24
C HIS B 249 2.52 26.96 -0.30
C1 161 C . -5.96 -11.59 -15.16
C2 161 C . -4.47 -11.73 -15.10
O24 161 C . -3.95 -12.20 -14.10
C3 161 C . -3.59 -11.40 -16.28
C25 161 C . -2.34 -10.60 -15.86
C26 161 C . -1.35 -10.62 -16.86
O28 161 C . -1.36 -11.52 -17.74
O27 161 C . -0.43 -9.77 -16.88
N4 161 C . -4.28 -10.59 -17.26
C5 161 C . -4.66 -11.15 -18.41
O29 161 C . -4.67 -12.35 -18.59
C6 161 C . -5.04 -10.29 -19.59
C7 161 C . -5.15 -8.89 -19.51
C8 161 C . -5.48 -8.11 -20.62
C11 161 C . -5.29 -10.95 -20.80
C10 161 C . -5.60 -10.17 -21.92
C9 161 C . -5.71 -8.77 -21.84
C12 161 C . -6.10 -7.99 -23.08
N13 161 C . -4.98 -8.09 -23.98
S14 161 C . -5.33 -7.61 -25.58
O30 161 C . -4.07 -7.69 -26.30
O31 161 C . -6.44 -8.42 -26.08
C15 161 C . -5.78 -5.95 -25.54
C16 161 C . -4.88 -5.04 -25.02
C20 161 C . -7.00 -5.53 -26.05
C19 161 C . -7.36 -4.18 -26.04
C18 161 C . -6.51 -3.23 -25.51
O23 161 C . -6.74 -1.99 -25.51
C17 161 C . -5.25 -3.70 -25.00
C21 161 C . -4.33 -2.69 -24.44
O32 161 C . -3.27 -3.08 -23.97
O22 161 C . -4.68 -1.52 -24.48
C1 161 D . -8.41 -6.05 17.28
C2 161 D . -8.75 -4.61 17.04
O24 161 D . -9.41 -4.33 16.04
C3 161 D . -8.41 -3.52 18.06
C25 161 D . -7.99 -2.21 17.41
C26 161 D . -8.14 -1.12 18.25
O28 161 D . -8.89 -1.17 19.21
O27 161 D . -7.54 -0.07 18.05
N4 161 D . -7.39 -3.87 19.04
C5 161 D . -7.72 -4.18 20.29
O29 161 D . -8.88 -4.47 20.57
C6 161 D . -6.69 -4.16 21.39
C7 161 D . -5.34 -3.96 21.12
C8 161 D . -4.37 -3.92 22.13
C11 161 D . -7.13 -4.31 22.69
C10 161 D . -6.18 -4.27 23.71
C9 161 D . -4.82 -4.05 23.45
C12 161 D . -3.82 -4.02 24.60
N13 161 D . -4.11 -2.80 25.32
S14 161 D . -3.42 -2.66 26.88
O30 161 D . -3.57 -1.26 27.29
O31 161 D . -4.04 -3.76 27.65
C15 161 D . -1.73 -2.95 26.67
C16 161 D . -1.01 -2.01 25.93
C20 161 D . -1.12 -4.09 27.19
C19 161 D . 0.25 -4.28 26.99
C18 161 D . 1.02 -3.35 26.27
O23 161 D . 2.25 -3.48 26.11
C17 161 D . 0.35 -2.19 25.71
C21 161 D . 1.17 -1.19 24.95
O32 161 D . 0.60 -0.18 24.49
O22 161 D . 2.39 -1.36 24.84
#